data_2Y6X
#
_entry.id   2Y6X
#
_cell.length_a   36.930
_cell.length_b   50.820
_cell.length_c   53.070
_cell.angle_alpha   90.00
_cell.angle_beta   90.00
_cell.angle_gamma   90.00
#
_symmetry.space_group_name_H-M   'P 21 21 21'
#
loop_
_entity.id
_entity.type
_entity.pdbx_description
1 polymer 'PHOTOSYSTEM II 11 KD PROTEIN'
2 non-polymer 'CHLORIDE ION'
3 water water
#
_entity_poly.entity_id   1
_entity_poly.type   'polypeptide(L)'
_entity_poly.pdbx_seq_one_letter_code
;GSNVPTGLTGNFREDTLALISSLREAIALPENDPNKKAAQAEARKKLNDFFALYRRDDSLRSLSSFMTMQTALNSLAGHY
SSYPNRPLPEKLKARLEQEFKQVELALDREAKS
;
_entity_poly.pdbx_strand_id   A
#
loop_
_chem_comp.id
_chem_comp.type
_chem_comp.name
_chem_comp.formula
CL non-polymer 'CHLORIDE ION' 'Cl -1'
#
# COMPACT_ATOMS: atom_id res chain seq x y z
N PRO A 5 -10.10 -14.48 -5.38
CA PRO A 5 -10.54 -13.25 -6.04
C PRO A 5 -9.79 -12.05 -5.57
N THR A 6 -9.65 -11.90 -4.25
CA THR A 6 -8.84 -10.81 -3.73
C THR A 6 -7.38 -11.21 -3.63
N GLY A 7 -7.08 -12.50 -3.42
CA GLY A 7 -5.68 -12.88 -3.10
C GLY A 7 -5.33 -12.57 -1.64
N LEU A 8 -6.28 -12.00 -0.90
CA LEU A 8 -6.05 -11.75 0.52
C LEU A 8 -6.27 -13.06 1.30
N THR A 9 -5.37 -13.33 2.23
CA THR A 9 -5.41 -14.51 3.13
C THR A 9 -6.26 -14.27 4.39
N GLY A 10 -6.50 -13.02 4.74
CA GLY A 10 -7.09 -12.74 6.04
C GLY A 10 -6.11 -12.71 7.22
N ASN A 11 -4.83 -13.01 6.96
CA ASN A 11 -3.77 -12.84 7.92
C ASN A 11 -3.18 -11.41 7.72
N PHE A 12 -3.38 -10.52 8.69
CA PHE A 12 -3.08 -9.10 8.50
C PHE A 12 -1.57 -8.92 8.18
N ARG A 13 -0.68 -9.54 8.95
CA ARG A 13 0.75 -9.40 8.70
C ARG A 13 1.13 -9.92 7.30
N GLU A 14 0.67 -11.10 6.90
CA GLU A 14 1.04 -11.69 5.63
C GLU A 14 0.53 -10.82 4.49
N ASP A 15 -0.71 -10.44 4.60
CA ASP A 15 -1.32 -9.57 3.58
C ASP A 15 -0.64 -8.22 3.49
N THR A 16 -0.29 -7.63 4.63
CA THR A 16 0.36 -6.29 4.57
C THR A 16 1.72 -6.41 3.96
N LEU A 17 2.48 -7.44 4.30
CA LEU A 17 3.81 -7.63 3.74
C LEU A 17 3.67 -7.89 2.23
N ALA A 18 2.70 -8.67 1.80
CA ALA A 18 2.48 -8.95 0.38
C ALA A 18 2.05 -7.73 -0.43
N LEU A 19 1.23 -6.90 0.19
CA LEU A 19 0.74 -5.67 -0.44
C LEU A 19 1.93 -4.70 -0.60
N ILE A 20 2.72 -4.56 0.46
CA ILE A 20 3.94 -3.70 0.40
C ILE A 20 4.80 -4.20 -0.79
N SER A 21 5.01 -5.50 -0.92
CA SER A 21 5.85 -5.99 -2.02
CA SER A 21 5.84 -6.01 -2.03
C SER A 21 5.25 -5.67 -3.40
N SER A 22 3.95 -5.90 -3.58
CA SER A 22 3.19 -5.56 -4.81
C SER A 22 3.28 -4.11 -5.16
N LEU A 23 3.07 -3.25 -4.18
CA LEU A 23 3.11 -1.78 -4.35
C LEU A 23 4.54 -1.34 -4.73
N ARG A 24 5.55 -1.87 -4.06
CA ARG A 24 6.98 -1.61 -4.40
C ARG A 24 7.25 -1.96 -5.86
N GLU A 25 6.78 -3.12 -6.29
CA GLU A 25 6.97 -3.53 -7.70
C GLU A 25 6.30 -2.59 -8.66
N ALA A 26 5.08 -2.23 -8.45
CA ALA A 26 4.29 -1.35 -9.33
C ALA A 26 4.98 0.03 -9.42
N ILE A 27 5.44 0.56 -8.31
CA ILE A 27 5.99 1.89 -8.27
C ILE A 27 7.35 1.90 -8.91
N ALA A 28 8.11 0.83 -8.71
CA ALA A 28 9.48 0.68 -9.29
C ALA A 28 9.52 0.56 -10.81
N LEU A 29 8.42 0.18 -11.46
CA LEU A 29 8.45 0.01 -12.94
C LEU A 29 8.72 1.35 -13.56
N PRO A 30 9.54 1.35 -14.61
CA PRO A 30 9.68 2.57 -15.41
C PRO A 30 8.37 3.18 -15.93
N GLU A 31 8.31 4.53 -15.95
CA GLU A 31 7.13 5.28 -16.40
C GLU A 31 6.68 4.81 -17.78
N ASN A 32 7.64 4.53 -18.65
CA ASN A 32 7.35 4.00 -19.97
C ASN A 32 7.25 2.47 -20.17
N ASP A 33 7.16 1.72 -19.05
CA ASP A 33 6.97 0.28 -19.19
C ASP A 33 5.56 0.09 -19.72
N PRO A 34 5.36 -0.83 -20.66
CA PRO A 34 4.03 -1.09 -21.27
C PRO A 34 2.98 -1.48 -20.25
N ASN A 35 3.42 -2.09 -19.16
CA ASN A 35 2.51 -2.64 -18.14
C ASN A 35 2.30 -1.69 -16.95
N LYS A 36 2.83 -0.47 -17.03
CA LYS A 36 2.80 0.44 -15.89
C LYS A 36 1.38 0.78 -15.48
N LYS A 37 0.56 1.19 -16.43
CA LYS A 37 -0.83 1.54 -16.14
C LYS A 37 -1.58 0.36 -15.53
N ALA A 38 -1.42 -0.80 -16.10
CA ALA A 38 -2.09 -2.00 -15.58
C ALA A 38 -1.64 -2.26 -14.17
N ALA A 39 -0.36 -2.15 -13.90
CA ALA A 39 0.12 -2.43 -12.53
C ALA A 39 -0.47 -1.45 -11.56
N GLN A 40 -0.62 -0.21 -12.02
N GLN A 40 -0.66 -0.19 -11.95
CA GLN A 40 -1.25 0.88 -11.26
CA GLN A 40 -1.26 0.80 -11.03
C GLN A 40 -2.67 0.55 -10.91
C GLN A 40 -2.78 0.64 -10.89
N ALA A 41 -3.46 0.16 -11.92
CA ALA A 41 -4.88 -0.15 -11.78
C ALA A 41 -4.96 -1.28 -10.74
N GLU A 42 -4.02 -2.21 -10.79
CA GLU A 42 -4.06 -3.37 -9.84
C GLU A 42 -3.67 -2.95 -8.45
N ALA A 43 -2.71 -2.05 -8.30
CA ALA A 43 -2.40 -1.43 -7.01
C ALA A 43 -3.63 -0.81 -6.37
N ARG A 44 -4.38 0.00 -7.12
CA ARG A 44 -5.63 0.60 -6.65
C ARG A 44 -6.61 -0.42 -6.14
N LYS A 45 -6.81 -1.47 -6.93
CA LYS A 45 -7.76 -2.53 -6.58
C LYS A 45 -7.28 -3.18 -5.29
N LYS A 46 -5.99 -3.49 -5.18
CA LYS A 46 -5.54 -4.25 -4.06
C LYS A 46 -5.63 -3.40 -2.79
N LEU A 47 -5.26 -2.13 -2.85
CA LEU A 47 -5.34 -1.27 -1.63
C LEU A 47 -6.82 -1.14 -1.22
N ASN A 48 -7.73 -0.94 -2.15
CA ASN A 48 -9.18 -0.89 -1.83
C ASN A 48 -9.65 -2.19 -1.18
N ASP A 49 -9.20 -3.28 -1.74
CA ASP A 49 -9.59 -4.65 -1.19
C ASP A 49 -9.08 -4.82 0.24
N PHE A 50 -7.87 -4.32 0.50
CA PHE A 50 -7.20 -4.41 1.79
C PHE A 50 -7.97 -3.61 2.84
N PHE A 51 -8.33 -2.38 2.53
CA PHE A 51 -9.14 -1.59 3.45
C PHE A 51 -10.50 -2.20 3.67
N ALA A 52 -11.11 -2.65 2.57
CA ALA A 52 -12.45 -3.27 2.66
C ALA A 52 -12.46 -4.41 3.69
N LEU A 53 -11.39 -5.19 3.79
CA LEU A 53 -11.35 -6.37 4.67
C LEU A 53 -11.01 -5.86 6.03
N TYR A 54 -9.93 -5.13 6.17
CA TYR A 54 -9.34 -4.90 7.48
C TYR A 54 -9.92 -3.76 8.26
N ARG A 55 -10.48 -2.74 7.61
CA ARG A 55 -11.04 -1.60 8.39
C ARG A 55 -12.26 -1.95 9.24
N ARG A 56 -12.85 -3.11 8.97
CA ARG A 56 -13.96 -3.49 9.81
C ARG A 56 -13.47 -4.07 11.15
N ASP A 57 -12.14 -4.32 11.30
CA ASP A 57 -11.60 -4.95 12.55
C ASP A 57 -11.00 -3.87 13.49
N ASP A 58 -11.73 -3.53 14.55
CA ASP A 58 -11.27 -2.43 15.38
C ASP A 58 -10.05 -2.85 16.20
N SER A 59 -9.78 -4.14 16.37
CA SER A 59 -8.50 -4.49 16.97
C SER A 59 -7.37 -3.92 16.14
N LEU A 60 -7.34 -4.23 14.84
CA LEU A 60 -6.25 -3.80 13.98
C LEU A 60 -6.17 -2.30 13.83
N ARG A 61 -7.32 -1.68 13.87
CA ARG A 61 -7.37 -0.24 13.70
C ARG A 61 -6.58 0.52 14.78
N SER A 62 -6.37 -0.10 15.93
CA SER A 62 -5.60 0.54 17.01
C SER A 62 -4.06 0.50 16.84
N LEU A 63 -3.59 -0.23 15.84
CA LEU A 63 -2.17 -0.53 15.71
C LEU A 63 -1.40 0.38 14.78
N SER A 64 -0.12 0.61 15.14
CA SER A 64 0.66 1.51 14.37
C SER A 64 0.93 1.05 12.93
N SER A 65 1.07 -0.28 12.79
CA SER A 65 1.26 -0.84 11.48
C SER A 65 0.07 -0.46 10.58
N PHE A 66 -1.13 -0.70 11.10
CA PHE A 66 -2.35 -0.31 10.41
C PHE A 66 -2.43 1.20 10.09
N MET A 67 -2.19 2.03 11.10
CA MET A 67 -2.29 3.48 10.93
C MET A 67 -1.31 3.98 9.87
N THR A 68 -0.09 3.48 9.88
CA THR A 68 0.90 3.93 8.91
C THR A 68 0.55 3.39 7.56
N MET A 69 0.09 2.15 7.48
CA MET A 69 -0.26 1.65 6.17
C MET A 69 -1.45 2.46 5.61
N GLN A 70 -2.40 2.89 6.43
CA GLN A 70 -3.50 3.67 6.00
C GLN A 70 -3.07 5.02 5.48
N THR A 71 -2.11 5.66 6.16
CA THR A 71 -1.50 6.91 5.67
C THR A 71 -0.91 6.73 4.26
N ALA A 72 -0.16 5.66 4.05
CA ALA A 72 0.46 5.33 2.77
C ALA A 72 -0.50 5.10 1.66
N LEU A 73 -1.47 4.22 1.98
CA LEU A 73 -2.38 3.79 0.96
C LEU A 73 -3.25 4.98 0.61
N ASN A 74 -3.55 5.85 1.56
CA ASN A 74 -4.37 7.03 1.29
C ASN A 74 -3.62 8.00 0.41
N SER A 75 -2.32 8.16 0.66
CA SER A 75 -1.51 9.09 -0.14
CA SER A 75 -1.49 9.07 -0.14
C SER A 75 -1.38 8.61 -1.61
N LEU A 76 -1.27 7.31 -1.79
CA LEU A 76 -1.26 6.73 -3.11
C LEU A 76 -2.61 6.98 -3.81
N ALA A 77 -3.70 6.56 -3.16
CA ALA A 77 -5.02 6.80 -3.72
C ALA A 77 -5.29 8.24 -4.05
N GLY A 78 -4.84 9.16 -3.20
CA GLY A 78 -5.05 10.57 -3.38
C GLY A 78 -4.31 11.13 -4.55
N HIS A 79 -3.09 10.67 -4.72
CA HIS A 79 -2.38 11.03 -5.98
C HIS A 79 -3.16 10.62 -7.22
N TYR A 80 -3.63 9.40 -7.28
N TYR A 80 -3.62 9.38 -7.24
CA TYR A 80 -4.36 9.01 -8.46
CA TYR A 80 -4.34 8.85 -8.39
C TYR A 80 -5.62 9.87 -8.68
C TYR A 80 -5.67 9.63 -8.66
N SER A 81 -6.33 10.10 -7.59
CA SER A 81 -7.59 10.81 -7.68
C SER A 81 -7.37 12.26 -8.12
N SER A 82 -6.29 12.88 -7.69
CA SER A 82 -6.00 14.26 -8.03
C SER A 82 -5.30 14.43 -9.38
N TYR A 83 -4.39 13.51 -9.67
CA TYR A 83 -3.51 13.55 -10.85
C TYR A 83 -3.47 12.21 -11.55
N PRO A 84 -4.63 11.81 -12.12
CA PRO A 84 -4.73 10.47 -12.69
C PRO A 84 -3.81 10.16 -13.85
N ASN A 85 -3.35 11.18 -14.54
CA ASN A 85 -2.49 10.98 -15.69
C ASN A 85 -1.04 11.43 -15.50
N ARG A 86 -0.65 11.71 -14.26
CA ARG A 86 0.74 12.00 -13.95
C ARG A 86 1.37 10.98 -13.05
N PRO A 87 2.67 10.77 -13.23
CA PRO A 87 3.37 9.80 -12.37
C PRO A 87 3.54 10.27 -10.97
N LEU A 88 3.77 9.34 -10.05
CA LEU A 88 4.08 9.69 -8.69
C LEU A 88 5.40 10.49 -8.70
N PRO A 89 5.40 11.66 -8.06
CA PRO A 89 6.63 12.38 -7.95
C PRO A 89 7.65 11.62 -7.08
N GLU A 90 8.91 11.81 -7.39
CA GLU A 90 9.99 11.18 -6.64
C GLU A 90 9.85 11.39 -5.15
N LYS A 91 9.39 12.57 -4.74
CA LYS A 91 9.30 12.90 -3.32
C LYS A 91 8.21 12.08 -2.60
N LEU A 92 7.12 11.81 -3.33
CA LEU A 92 6.08 10.94 -2.80
C LEU A 92 6.55 9.50 -2.74
N LYS A 93 7.24 9.08 -3.79
CA LYS A 93 7.78 7.68 -3.82
C LYS A 93 8.72 7.48 -2.62
N ALA A 94 9.60 8.46 -2.37
CA ALA A 94 10.48 8.36 -1.23
C ALA A 94 9.71 8.27 0.11
N ARG A 95 8.70 9.08 0.29
CA ARG A 95 7.87 9.03 1.51
C ARG A 95 7.15 7.69 1.65
N LEU A 96 6.55 7.25 0.57
CA LEU A 96 5.91 5.90 0.61
C LEU A 96 6.86 4.79 1.05
N GLU A 97 8.07 4.81 0.53
CA GLU A 97 9.04 3.83 0.91
C GLU A 97 9.40 3.91 2.39
N GLN A 98 9.53 5.11 2.95
CA GLN A 98 9.79 5.27 4.40
C GLN A 98 8.66 4.70 5.22
N GLU A 99 7.47 4.99 4.78
CA GLU A 99 6.20 4.47 5.40
C GLU A 99 6.13 2.99 5.38
N PHE A 100 6.45 2.39 4.25
CA PHE A 100 6.47 0.89 4.13
C PHE A 100 7.45 0.32 5.14
N LYS A 101 8.66 0.88 5.17
CA LYS A 101 9.64 0.42 6.11
C LYS A 101 9.14 0.53 7.56
N GLN A 102 8.47 1.62 7.85
CA GLN A 102 7.89 1.80 9.16
C GLN A 102 6.82 0.78 9.48
N VAL A 103 6.01 0.42 8.48
CA VAL A 103 4.93 -0.58 8.70
C VAL A 103 5.64 -1.86 9.09
N GLU A 104 6.67 -2.23 8.34
CA GLU A 104 7.31 -3.53 8.57
C GLU A 104 7.93 -3.59 9.98
N LEU A 105 8.56 -2.49 10.40
CA LEU A 105 9.14 -2.37 11.73
C LEU A 105 8.03 -2.55 12.75
N ALA A 106 6.89 -1.91 12.52
CA ALA A 106 5.74 -1.94 13.45
C ALA A 106 5.15 -3.33 13.53
N LEU A 107 5.06 -4.03 12.42
CA LEU A 107 4.55 -5.39 12.44
C LEU A 107 5.47 -6.23 13.31
N ASP A 108 6.77 -6.06 13.18
CA ASP A 108 7.66 -6.95 14.01
C ASP A 108 7.58 -6.58 15.50
N ARG A 109 7.52 -5.29 15.83
CA ARG A 109 7.39 -4.86 17.20
C ARG A 109 6.11 -5.37 17.82
N GLU A 110 5.01 -5.27 17.10
CA GLU A 110 3.70 -5.81 17.54
C GLU A 110 3.78 -7.33 17.81
N ALA A 111 4.44 -8.10 16.96
CA ALA A 111 4.47 -9.57 17.07
C ALA A 111 5.23 -9.98 18.30
N LYS A 112 6.21 -9.17 18.74
CA LYS A 112 7.03 -9.54 19.92
C LYS A 112 6.51 -8.94 21.23
N SER A 113 5.44 -8.15 21.16
CA SER A 113 4.89 -7.50 22.36
C SER A 113 4.11 -8.52 23.19
CL CL B . -3.48 14.39 -14.36
#